data_4YDN
#
_entry.id   4YDN
#
_cell.length_a   43.093
_cell.length_b   85.522
_cell.length_c   64.650
_cell.angle_alpha   90.000
_cell.angle_beta   90.000
_cell.angle_gamma   90.000
#
_symmetry.space_group_name_H-M   'P 21 21 2'
#
loop_
_entity.id
_entity.type
_entity.pdbx_description
1 polymer Transthyretin
2 non-polymer '4-[5-(3,5-dichloro-4-hydroxyphenyl)-1,3,4-oxadiazol-2-yl]phenyl sulfurofluoridate'
3 non-polymer 2,6-dichloro-4-[5-(4-hydroxyphenyl)-1,3,4-oxadiazol-2-yl]phenol
4 water water
#
_entity_poly.entity_id   1
_entity_poly.type   'polypeptide(L)'
_entity_poly.pdbx_seq_one_letter_code
;GPTGTGESKCPLMV(4AK)VLDAVRGSPAINVAVHVFRKAADDTWEPFASGKTSESGELHGLTTEEEFVEGIYKVEIDTK
SYWKALGISPFHEHAEVVFTANDSGPRRYTIAALLSPYSYSTTAVVTNPKE
;
_entity_poly.pdbx_strand_id   A,B
#
# COMPACT_ATOMS: atom_id res chain seq x y z
N CYS A 10 -17.50 -6.78 -12.26
CA CYS A 10 -17.72 -5.49 -12.95
C CYS A 10 -17.53 -4.27 -12.03
N PRO A 11 -18.03 -4.35 -10.79
CA PRO A 11 -17.91 -3.23 -9.86
C PRO A 11 -16.50 -3.05 -9.30
N LEU A 12 -15.70 -4.10 -9.32
CA LEU A 12 -14.33 -4.03 -8.81
C LEU A 12 -13.38 -4.82 -9.70
N MET A 13 -12.34 -4.14 -10.19
CA MET A 13 -11.36 -4.78 -11.06
C MET A 13 -9.96 -4.39 -10.61
N VAL A 14 -9.02 -5.33 -10.75
CA VAL A 14 -7.63 -5.10 -10.35
C VAL A 14 -6.73 -5.35 -11.55
N VAL A 16 -2.64 -5.38 -12.89
CA VAL A 16 -1.28 -5.28 -12.39
C VAL A 16 -0.29 -5.34 -13.55
N LEU A 17 0.70 -4.45 -13.51
CA LEU A 17 1.74 -4.37 -14.54
C LEU A 17 3.11 -4.54 -13.89
N ASP A 18 4.04 -5.06 -14.69
CA ASP A 18 5.42 -5.36 -14.27
C ASP A 18 6.38 -4.40 -14.99
N ALA A 19 7.01 -3.55 -14.21
CA ALA A 19 7.91 -2.50 -14.71
C ALA A 19 9.29 -3.00 -15.10
N VAL A 20 9.64 -4.23 -14.74
CA VAL A 20 10.93 -4.81 -15.08
C VAL A 20 10.85 -5.47 -16.45
N ARG A 21 9.76 -6.19 -16.71
CA ARG A 21 9.53 -6.98 -17.93
CA ARG A 21 9.64 -6.90 -17.98
C ARG A 21 8.80 -6.18 -19.03
N GLY A 22 8.11 -5.12 -18.65
CA GLY A 22 7.27 -4.40 -19.60
C GLY A 22 6.12 -5.26 -20.06
N SER A 23 5.38 -5.81 -19.10
CA SER A 23 4.34 -6.77 -19.39
C SER A 23 3.24 -6.68 -18.34
N PRO A 24 2.07 -7.28 -18.62
CA PRO A 24 1.16 -7.54 -17.50
C PRO A 24 1.85 -8.39 -16.44
N ALA A 25 1.45 -8.21 -15.19
CA ALA A 25 1.89 -9.08 -14.10
C ALA A 25 0.85 -10.20 -13.98
N ILE A 26 1.26 -11.39 -14.43
CA ILE A 26 0.32 -12.52 -14.53
CA ILE A 26 0.40 -12.57 -14.57
C ILE A 26 0.41 -13.40 -13.29
N ASN A 27 -0.73 -13.98 -12.93
CA ASN A 27 -0.78 -14.91 -11.80
CA ASN A 27 -0.84 -14.89 -11.79
C ASN A 27 -0.45 -14.25 -10.46
N VAL A 28 -0.81 -12.98 -10.30
CA VAL A 28 -0.64 -12.29 -9.02
C VAL A 28 -1.87 -12.57 -8.17
N ALA A 29 -1.64 -13.09 -6.96
CA ALA A 29 -2.73 -13.32 -6.01
C ALA A 29 -3.19 -11.99 -5.41
N VAL A 30 -4.52 -11.86 -5.30
CA VAL A 30 -5.14 -10.68 -4.73
C VAL A 30 -6.20 -11.12 -3.73
N HIS A 31 -6.15 -10.55 -2.54
CA HIS A 31 -7.16 -10.81 -1.51
C HIS A 31 -7.84 -9.50 -1.13
N VAL A 32 -9.16 -9.51 -1.11
CA VAL A 32 -9.94 -8.35 -0.72
C VAL A 32 -10.62 -8.62 0.63
N PHE A 33 -10.57 -7.62 1.51
CA PHE A 33 -11.19 -7.68 2.82
C PHE A 33 -12.13 -6.51 2.98
N ARG A 34 -13.11 -6.64 3.88
CA ARG A 34 -14.00 -5.53 4.21
C ARG A 34 -14.04 -5.36 5.71
N LYS A 35 -13.93 -4.14 6.21
CA LYS A 35 -13.96 -3.88 7.64
CA LYS A 35 -13.95 -3.90 7.64
C LYS A 35 -15.36 -4.20 8.22
N ALA A 36 -15.41 -5.05 9.23
CA ALA A 36 -16.67 -5.42 9.87
C ALA A 36 -17.01 -4.41 10.96
N ALA A 37 -18.22 -4.55 11.50
CA ALA A 37 -18.74 -3.65 12.54
C ALA A 37 -17.88 -3.65 13.81
N ASP A 38 -17.19 -4.76 14.06
CA ASP A 38 -16.23 -4.86 15.17
C ASP A 38 -14.79 -4.44 14.85
N ASP A 39 -14.58 -3.86 13.67
CA ASP A 39 -13.27 -3.31 13.26
C ASP A 39 -12.25 -4.35 12.81
N THR A 40 -12.67 -5.60 12.63
CA THR A 40 -11.77 -6.60 12.05
C THR A 40 -11.93 -6.66 10.53
N TRP A 41 -10.93 -7.22 9.87
CA TRP A 41 -10.93 -7.33 8.41
C TRP A 41 -11.46 -8.68 7.97
N GLU A 42 -12.70 -8.69 7.50
CA GLU A 42 -13.34 -9.94 7.11
C GLU A 42 -13.00 -10.25 5.64
N PRO A 43 -12.67 -11.52 5.31
CA PRO A 43 -12.47 -11.86 3.89
C PRO A 43 -13.69 -11.59 3.03
N PHE A 44 -13.48 -10.92 1.90
CA PHE A 44 -14.57 -10.52 1.00
C PHE A 44 -14.54 -11.22 -0.35
N ALA A 45 -13.34 -11.28 -0.93
CA ALA A 45 -13.13 -11.96 -2.16
C ALA A 45 -11.66 -12.14 -2.44
N SER A 46 -11.32 -13.06 -3.34
CA SER A 46 -9.95 -13.23 -3.76
C SER A 46 -9.87 -13.81 -5.15
N GLY A 47 -8.69 -13.73 -5.77
CA GLY A 47 -8.48 -14.28 -7.08
C GLY A 47 -7.06 -14.03 -7.53
N LYS A 48 -6.81 -14.31 -8.80
CA LYS A 48 -5.46 -14.19 -9.42
CA LYS A 48 -5.50 -13.97 -9.32
C LYS A 48 -5.57 -13.42 -10.72
N THR A 49 -4.56 -12.60 -11.04
CA THR A 49 -4.58 -11.92 -12.32
C THR A 49 -4.36 -12.90 -13.49
N SER A 50 -5.03 -12.59 -14.60
CA SER A 50 -4.99 -13.37 -15.82
C SER A 50 -3.72 -13.07 -16.61
N GLU A 51 -3.66 -13.64 -17.82
CA GLU A 51 -2.59 -13.37 -18.79
CA GLU A 51 -2.55 -13.36 -18.74
C GLU A 51 -2.51 -11.89 -19.19
N SER A 52 -3.63 -11.17 -19.04
CA SER A 52 -3.67 -9.75 -19.33
C SER A 52 -3.32 -8.87 -18.12
N GLY A 53 -2.98 -9.50 -16.99
CA GLY A 53 -2.76 -8.74 -15.75
C GLY A 53 -3.99 -8.26 -15.05
N GLU A 54 -5.16 -8.77 -15.45
CA GLU A 54 -6.43 -8.29 -14.92
C GLU A 54 -7.13 -9.36 -14.11
N LEU A 55 -7.89 -8.88 -13.13
CA LEU A 55 -8.70 -9.72 -12.28
C LEU A 55 -10.07 -9.11 -12.24
N HIS A 56 -11.00 -9.87 -12.83
CA HIS A 56 -12.41 -9.58 -12.91
C HIS A 56 -13.18 -10.59 -12.03
N GLY A 57 -14.45 -10.31 -11.82
CA GLY A 57 -15.34 -11.28 -11.18
C GLY A 57 -15.21 -11.38 -9.68
N LEU A 58 -14.58 -10.41 -9.03
CA LEU A 58 -14.38 -10.50 -7.59
C LEU A 58 -15.72 -10.41 -6.84
N THR A 59 -16.61 -9.56 -7.31
CA THR A 59 -17.85 -9.32 -6.57
C THR A 59 -18.96 -8.89 -7.50
N THR A 60 -20.12 -8.67 -6.91
CA THR A 60 -21.33 -8.29 -7.65
C THR A 60 -21.75 -6.93 -7.15
N GLU A 61 -22.56 -6.20 -7.93
N GLU A 61 -22.55 -6.22 -7.95
CA GLU A 61 -23.11 -4.96 -7.41
CA GLU A 61 -23.20 -4.98 -7.49
C GLU A 61 -23.89 -5.15 -6.10
C GLU A 61 -23.94 -5.13 -6.16
N GLU A 62 -24.67 -6.25 -5.98
CA GLU A 62 -25.40 -6.51 -4.72
C GLU A 62 -24.52 -6.69 -3.50
N GLU A 63 -23.44 -7.48 -3.64
CA GLU A 63 -22.62 -7.82 -2.48
C GLU A 63 -21.69 -6.68 -2.09
N PHE A 64 -21.36 -5.85 -3.08
CA PHE A 64 -20.33 -4.79 -2.91
C PHE A 64 -21.02 -3.56 -2.35
N VAL A 65 -21.38 -3.66 -1.08
CA VAL A 65 -22.06 -2.58 -0.39
C VAL A 65 -21.04 -1.56 0.12
N GLU A 66 -21.58 -0.44 0.56
CA GLU A 66 -20.80 0.58 1.27
CA GLU A 66 -20.73 0.57 1.20
C GLU A 66 -19.86 -0.01 2.31
N GLY A 67 -18.64 0.45 2.44
CA GLY A 67 -17.78 -0.01 3.50
C GLY A 67 -16.34 0.40 3.24
N ILE A 68 -15.46 -0.01 4.13
CA ILE A 68 -14.02 0.21 3.97
C ILE A 68 -13.42 -1.09 3.51
N TYR A 69 -12.78 -1.07 2.34
CA TYR A 69 -12.21 -2.25 1.73
C TYR A 69 -10.69 -2.16 1.66
N LYS A 70 -10.07 -3.32 1.75
CA LYS A 70 -8.63 -3.46 1.62
C LYS A 70 -8.35 -4.44 0.50
N VAL A 71 -7.63 -4.00 -0.53
CA VAL A 71 -7.16 -4.85 -1.61
C VAL A 71 -5.70 -5.12 -1.38
N GLU A 72 -5.38 -6.38 -1.06
CA GLU A 72 -4.00 -6.80 -0.82
CA GLU A 72 -4.01 -6.80 -0.81
C GLU A 72 -3.48 -7.52 -2.04
N ILE A 73 -2.42 -6.98 -2.62
CA ILE A 73 -1.82 -7.53 -3.83
C ILE A 73 -0.56 -8.22 -3.39
N ASP A 74 -0.46 -9.51 -3.65
CA ASP A 74 0.63 -10.34 -3.10
C ASP A 74 1.90 -10.26 -3.95
N THR A 75 2.53 -9.10 -3.86
CA THR A 75 3.69 -8.78 -4.69
C THR A 75 4.91 -9.65 -4.34
N LYS A 76 5.10 -9.96 -3.05
CA LYS A 76 6.28 -10.77 -2.69
C LYS A 76 6.14 -12.16 -3.30
N SER A 77 4.96 -12.79 -3.17
CA SER A 77 4.70 -14.13 -3.75
C SER A 77 4.91 -14.07 -5.26
N TYR A 78 4.53 -12.96 -5.91
CA TYR A 78 4.75 -12.81 -7.36
C TYR A 78 6.23 -12.80 -7.72
N TRP A 79 7.01 -11.91 -7.09
CA TRP A 79 8.43 -11.77 -7.38
C TRP A 79 9.16 -13.11 -6.99
N LYS A 80 8.82 -13.72 -5.86
CA LYS A 80 9.46 -14.98 -5.43
C LYS A 80 9.13 -16.16 -6.36
N ALA A 81 7.92 -16.19 -6.94
CA ALA A 81 7.56 -17.21 -7.94
C ALA A 81 8.39 -17.03 -9.21
N LEU A 82 8.95 -15.84 -9.41
CA LEU A 82 9.86 -15.54 -10.52
C LEU A 82 11.33 -15.62 -10.12
N GLY A 83 11.57 -16.13 -8.93
CA GLY A 83 12.94 -16.31 -8.41
C GLY A 83 13.65 -15.03 -7.99
N ILE A 84 12.89 -13.96 -7.67
CA ILE A 84 13.44 -12.62 -7.31
C ILE A 84 13.11 -12.28 -5.84
N SER A 85 14.06 -11.70 -5.09
CA SER A 85 13.91 -11.31 -3.66
C SER A 85 13.48 -9.83 -3.51
N PRO A 86 12.16 -9.56 -3.35
CA PRO A 86 11.76 -8.15 -3.36
C PRO A 86 11.71 -7.51 -1.97
N PHE A 87 11.46 -6.21 -1.93
CA PHE A 87 11.42 -5.48 -0.64
C PHE A 87 10.11 -5.63 0.14
N HIS A 88 8.97 -5.41 -0.51
CA HIS A 88 7.71 -5.35 0.21
C HIS A 88 7.11 -6.73 0.42
N GLU A 89 6.29 -6.85 1.46
CA GLU A 89 5.50 -8.08 1.65
C GLU A 89 4.34 -8.15 0.65
N HIS A 90 3.67 -7.03 0.46
CA HIS A 90 2.51 -6.91 -0.40
C HIS A 90 2.25 -5.46 -0.61
N ALA A 91 1.33 -5.11 -1.51
CA ALA A 91 0.87 -3.76 -1.66
C ALA A 91 -0.56 -3.80 -1.19
N GLU A 92 -0.93 -2.87 -0.31
CA GLU A 92 -2.25 -2.78 0.26
C GLU A 92 -2.89 -1.47 -0.20
N VAL A 93 -4.14 -1.56 -0.63
CA VAL A 93 -4.90 -0.43 -1.07
C VAL A 93 -6.17 -0.39 -0.24
N VAL A 94 -6.32 0.65 0.60
CA VAL A 94 -7.44 0.74 1.54
C VAL A 94 -8.26 1.99 1.24
N PHE A 95 -9.57 1.80 1.10
CA PHE A 95 -10.46 2.87 0.62
C PHE A 95 -11.89 2.63 1.03
N THR A 96 -12.62 3.71 1.21
CA THR A 96 -14.08 3.67 1.38
C THR A 96 -14.70 3.56 0.00
N ALA A 97 -15.66 2.65 -0.15
CA ALA A 97 -16.36 2.42 -1.43
C ALA A 97 -17.84 2.60 -1.28
N ASN A 98 -18.48 3.09 -2.35
CA ASN A 98 -19.94 3.12 -2.51
C ASN A 98 -20.67 3.96 -1.49
N ASP A 99 -19.98 4.94 -0.92
CA ASP A 99 -20.59 5.77 0.11
C ASP A 99 -21.53 6.87 -0.42
N SER A 100 -21.56 7.05 -1.74
CA SER A 100 -22.48 7.98 -2.42
C SER A 100 -23.24 7.21 -3.48
N GLY A 101 -23.48 5.93 -3.22
CA GLY A 101 -24.10 5.05 -4.16
C GLY A 101 -23.08 4.25 -4.93
N PRO A 102 -23.56 3.30 -5.73
CA PRO A 102 -22.68 2.37 -6.43
C PRO A 102 -21.72 3.08 -7.38
N ARG A 103 -20.46 2.66 -7.35
CA ARG A 103 -19.45 3.10 -8.32
C ARG A 103 -18.71 1.89 -8.83
N ARG A 104 -18.02 2.07 -9.96
CA ARG A 104 -17.13 1.06 -10.49
C ARG A 104 -15.70 1.46 -10.20
N TYR A 105 -14.93 0.53 -9.62
CA TYR A 105 -13.56 0.79 -9.19
C TYR A 105 -12.59 -0.08 -9.93
N THR A 106 -11.56 0.54 -10.50
CA THR A 106 -10.39 -0.19 -11.00
C THR A 106 -9.20 0.21 -10.12
N ILE A 107 -8.57 -0.76 -9.50
CA ILE A 107 -7.34 -0.56 -8.73
C ILE A 107 -6.22 -1.07 -9.62
N ALA A 108 -5.31 -0.16 -9.99
CA ALA A 108 -4.17 -0.47 -10.81
C ALA A 108 -2.90 -0.37 -10.01
N ALA A 109 -1.94 -1.24 -10.34
CA ALA A 109 -0.64 -1.21 -9.68
C ALA A 109 0.44 -1.50 -10.68
N LEU A 110 1.56 -0.80 -10.53
CA LEU A 110 2.76 -0.96 -11.35
C LEU A 110 3.90 -1.40 -10.43
N LEU A 111 4.47 -2.56 -10.66
CA LEU A 111 5.40 -3.19 -9.73
C LEU A 111 6.83 -3.20 -10.17
N SER A 112 7.73 -2.85 -9.24
CA SER A 112 9.17 -3.10 -9.34
C SER A 112 9.64 -3.79 -8.06
N PRO A 113 10.83 -4.39 -8.06
CA PRO A 113 11.21 -5.15 -6.84
C PRO A 113 11.27 -4.31 -5.55
N TYR A 114 11.67 -3.06 -5.65
CA TYR A 114 11.76 -2.16 -4.48
C TYR A 114 10.81 -0.96 -4.54
N SER A 115 9.82 -1.01 -5.41
CA SER A 115 8.93 0.12 -5.58
CA SER A 115 8.92 0.12 -5.57
C SER A 115 7.63 -0.35 -6.21
N TYR A 116 6.57 0.41 -5.91
CA TYR A 116 5.30 0.16 -6.64
C TYR A 116 4.46 1.41 -6.61
N SER A 117 3.68 1.63 -7.65
CA SER A 117 2.71 2.72 -7.68
CA SER A 117 2.71 2.73 -7.71
C SER A 117 1.32 2.10 -7.80
N THR A 118 0.34 2.76 -7.15
CA THR A 118 -1.05 2.33 -7.25
C THR A 118 -1.95 3.51 -7.48
N THR A 119 -2.95 3.34 -8.34
CA THR A 119 -3.91 4.38 -8.62
C THR A 119 -5.30 3.77 -8.72
N ALA A 120 -6.31 4.62 -8.56
CA ALA A 120 -7.72 4.20 -8.72
C ALA A 120 -8.37 4.94 -9.87
N VAL A 121 -9.19 4.21 -10.63
CA VAL A 121 -10.08 4.82 -11.59
C VAL A 121 -11.48 4.50 -11.12
N VAL A 122 -12.22 5.55 -10.81
CA VAL A 122 -13.57 5.41 -10.26
C VAL A 122 -14.57 6.02 -11.23
N THR A 123 -15.58 5.26 -11.64
CA THR A 123 -16.55 5.73 -12.62
C THR A 123 -17.95 5.51 -12.06
N ASN A 124 -18.88 6.35 -12.52
CA ASN A 124 -20.27 6.23 -12.10
C ASN A 124 -21.10 5.66 -13.23
N PRO A 125 -21.71 4.48 -13.01
CA PRO A 125 -22.64 3.94 -14.00
C PRO A 125 -24.03 4.56 -13.86
N CYS B 10 20.54 7.01 12.32
CA CYS B 10 19.21 6.33 12.39
C CYS B 10 19.04 5.28 11.30
N PRO B 11 18.53 4.10 11.67
CA PRO B 11 18.36 3.02 10.70
C PRO B 11 17.12 3.19 9.81
N LEU B 12 16.19 4.07 10.16
CA LEU B 12 14.92 4.12 9.42
C LEU B 12 14.47 5.55 9.30
N MET B 13 14.34 6.01 8.04
CA MET B 13 13.82 7.32 7.73
C MET B 13 12.60 7.13 6.81
N VAL B 14 11.64 8.03 7.02
CA VAL B 14 10.44 8.12 6.18
C VAL B 14 10.34 9.54 5.57
N VAL B 16 8.01 11.96 2.81
CA VAL B 16 6.70 12.05 2.17
C VAL B 16 6.67 13.33 1.31
N LEU B 17 6.26 13.16 0.04
CA LEU B 17 6.20 14.25 -0.94
C LEU B 17 4.79 14.39 -1.52
N ASP B 18 4.43 15.60 -1.92
CA ASP B 18 3.14 15.97 -2.44
C ASP B 18 3.28 16.24 -3.94
N ALA B 19 2.66 15.38 -4.75
CA ALA B 19 2.72 15.44 -6.20
C ALA B 19 1.81 16.48 -6.83
N VAL B 20 0.88 17.05 -6.07
CA VAL B 20 -0.02 18.08 -6.56
C VAL B 20 0.61 19.47 -6.46
N ARG B 21 1.30 19.71 -5.36
CA ARG B 21 1.90 21.01 -5.09
C ARG B 21 3.41 21.03 -5.36
N GLY B 22 3.99 19.87 -5.54
CA GLY B 22 5.42 19.79 -5.78
C GLY B 22 6.23 20.23 -4.57
N SER B 23 5.92 19.65 -3.43
CA SER B 23 6.48 20.09 -2.16
C SER B 23 6.65 18.90 -1.21
N PRO B 24 7.42 19.07 -0.15
CA PRO B 24 7.32 18.11 0.93
C PRO B 24 5.90 18.06 1.46
N ALA B 25 5.49 16.90 1.95
CA ALA B 25 4.20 16.76 2.65
C ALA B 25 4.47 16.93 4.14
N ILE B 26 4.06 18.08 4.66
CA ILE B 26 4.40 18.52 6.01
C ILE B 26 3.30 18.17 7.02
N ASN B 27 3.70 17.82 8.24
CA ASN B 27 2.78 17.50 9.34
CA ASN B 27 2.76 17.49 9.33
C ASN B 27 1.88 16.31 9.03
N VAL B 28 2.42 15.32 8.31
CA VAL B 28 1.71 14.09 8.05
C VAL B 28 2.00 13.11 9.20
N ALA B 29 0.96 12.51 9.80
CA ALA B 29 1.16 11.51 10.83
C ALA B 29 1.61 10.20 10.19
N VAL B 30 2.61 9.60 10.85
CA VAL B 30 3.20 8.33 10.42
C VAL B 30 3.28 7.41 11.63
N HIS B 31 2.75 6.19 11.48
CA HIS B 31 2.80 5.20 12.55
C HIS B 31 3.51 3.96 12.03
N VAL B 32 4.46 3.50 12.82
CA VAL B 32 5.22 2.28 12.52
C VAL B 32 4.83 1.20 13.49
N PHE B 33 4.61 0.00 12.97
CA PHE B 33 4.20 -1.19 13.73
C PHE B 33 5.20 -2.31 13.44
N ARG B 34 5.37 -3.20 14.41
CA ARG B 34 6.17 -4.41 14.24
CA ARG B 34 6.13 -4.41 14.17
C ARG B 34 5.23 -5.61 14.38
N LYS B 35 5.35 -6.60 13.51
CA LYS B 35 4.51 -7.78 13.59
C LYS B 35 4.96 -8.64 14.77
N ALA B 36 3.99 -8.98 15.61
CA ALA B 36 4.22 -9.82 16.80
C ALA B 36 4.08 -11.29 16.43
N ALA B 37 4.51 -12.16 17.36
CA ALA B 37 4.49 -13.60 17.16
C ALA B 37 3.09 -14.15 16.82
N ASP B 38 2.05 -13.55 17.41
CA ASP B 38 0.65 -13.89 17.12
C ASP B 38 0.06 -13.21 15.86
N ASP B 39 0.92 -12.66 15.00
CA ASP B 39 0.50 -11.99 13.76
C ASP B 39 -0.27 -10.66 13.92
N THR B 40 -0.35 -10.12 15.14
CA THR B 40 -0.92 -8.79 15.32
C THR B 40 0.18 -7.73 15.15
N TRP B 41 -0.26 -6.49 14.90
CA TRP B 41 0.62 -5.37 14.68
C TRP B 41 0.76 -4.61 15.98
N GLU B 42 1.98 -4.60 16.52
CA GLU B 42 2.22 -3.85 17.74
C GLU B 42 2.87 -2.48 17.46
N PRO B 43 2.34 -1.43 18.09
CA PRO B 43 2.94 -0.12 17.95
C PRO B 43 4.44 -0.13 18.21
N PHE B 44 5.18 0.58 17.37
CA PHE B 44 6.64 0.57 17.39
C PHE B 44 7.25 1.97 17.53
N ALA B 45 6.78 2.90 16.70
CA ALA B 45 7.25 4.30 16.66
C ALA B 45 6.24 5.12 15.89
N SER B 46 6.25 6.43 16.13
CA SER B 46 5.38 7.33 15.37
C SER B 46 5.88 8.76 15.44
N GLY B 47 5.32 9.60 14.59
CA GLY B 47 5.65 11.01 14.58
C GLY B 47 4.93 11.72 13.46
N LYS B 48 5.27 12.99 13.27
CA LYS B 48 4.73 13.81 12.20
C LYS B 48 5.86 14.28 11.30
N THR B 49 5.68 14.27 9.99
CA THR B 49 6.74 14.75 9.12
C THR B 49 7.04 16.24 9.39
N SER B 50 8.30 16.58 9.20
CA SER B 50 8.81 17.91 9.39
C SER B 50 8.52 18.81 8.19
N GLU B 51 9.04 20.05 8.26
CA GLU B 51 8.93 20.98 7.15
C GLU B 51 9.58 20.48 5.86
N SER B 52 10.53 19.54 5.98
CA SER B 52 11.15 18.95 4.80
C SER B 52 10.46 17.66 4.36
N GLY B 53 9.35 17.31 5.01
CA GLY B 53 8.60 16.10 4.68
C GLY B 53 9.23 14.85 5.26
N GLU B 54 10.17 15.00 6.18
CA GLU B 54 10.91 13.88 6.71
C GLU B 54 10.63 13.61 8.17
N LEU B 55 10.80 12.35 8.53
CA LEU B 55 10.60 11.91 9.88
C LEU B 55 11.78 11.08 10.23
N HIS B 56 12.60 11.67 11.10
CA HIS B 56 13.82 11.10 11.60
C HIS B 56 13.56 10.70 13.04
N GLY B 57 14.45 9.89 13.57
CA GLY B 57 14.46 9.60 14.99
C GLY B 57 13.46 8.57 15.44
N LEU B 58 12.91 7.78 14.51
CA LEU B 58 11.88 6.82 14.86
C LEU B 58 12.40 5.71 15.76
N THR B 59 13.63 5.25 15.49
CA THR B 59 14.16 4.11 16.20
C THR B 59 15.69 4.16 16.26
N THR B 60 16.27 3.15 16.89
CA THR B 60 17.72 3.07 17.02
C THR B 60 18.12 1.76 16.43
N GLU B 61 19.41 1.64 16.16
CA GLU B 61 19.99 0.37 15.70
C GLU B 61 19.68 -0.80 16.65
N GLU B 62 19.80 -0.57 17.97
CA GLU B 62 19.50 -1.63 18.92
C GLU B 62 18.08 -2.16 18.83
N GLU B 63 17.10 -1.26 18.70
CA GLU B 63 15.68 -1.62 18.75
C GLU B 63 15.15 -2.21 17.41
N PHE B 64 15.80 -1.83 16.32
CA PHE B 64 15.29 -2.15 14.97
C PHE B 64 15.82 -3.48 14.48
N VAL B 65 15.36 -4.54 15.14
CA VAL B 65 15.78 -5.89 14.87
C VAL B 65 15.05 -6.41 13.63
N GLU B 66 15.55 -7.52 13.09
CA GLU B 66 14.91 -8.18 11.97
C GLU B 66 13.47 -8.49 12.30
N GLY B 67 12.61 -8.42 11.29
CA GLY B 67 11.21 -8.68 11.46
C GLY B 67 10.41 -7.97 10.38
N ILE B 68 9.10 -8.10 10.47
CA ILE B 68 8.18 -7.46 9.53
C ILE B 68 7.65 -6.19 10.17
N TYR B 69 7.77 -5.09 9.43
CA TYR B 69 7.32 -3.77 9.86
C TYR B 69 6.29 -3.22 8.90
N LYS B 70 5.39 -2.40 9.45
CA LYS B 70 4.39 -1.69 8.68
CA LYS B 70 4.38 -1.68 8.69
C LYS B 70 4.53 -0.20 8.99
N VAL B 71 4.66 0.61 7.94
CA VAL B 71 4.66 2.06 8.05
C VAL B 71 3.32 2.53 7.48
N GLU B 72 2.48 3.12 8.33
CA GLU B 72 1.18 3.66 7.93
C GLU B 72 1.25 5.17 7.89
N ILE B 73 0.92 5.74 6.76
CA ILE B 73 0.97 7.18 6.52
C ILE B 73 -0.46 7.69 6.41
N ASP B 74 -0.79 8.67 7.23
CA ASP B 74 -2.16 9.16 7.30
C ASP B 74 -2.43 10.17 6.18
N THR B 75 -2.56 9.66 4.96
CA THR B 75 -2.75 10.48 3.80
C THR B 75 -4.13 11.14 3.79
N LYS B 76 -5.16 10.48 4.31
CA LYS B 76 -6.50 11.03 4.23
C LYS B 76 -6.57 12.36 4.98
N SER B 77 -6.01 12.42 6.19
CA SER B 77 -6.03 13.66 6.97
C SER B 77 -5.24 14.76 6.32
N TYR B 78 -4.15 14.39 5.64
CA TYR B 78 -3.31 15.36 4.96
C TYR B 78 -4.12 16.05 3.85
N TRP B 79 -4.78 15.26 3.01
CA TRP B 79 -5.58 15.81 1.92
C TRP B 79 -6.75 16.63 2.43
N LYS B 80 -7.45 16.11 3.44
CA LYS B 80 -8.61 16.84 3.98
C LYS B 80 -8.18 18.19 4.55
N ALA B 81 -7.00 18.28 5.16
CA ALA B 81 -6.54 19.56 5.73
C ALA B 81 -6.25 20.59 4.65
N LEU B 82 -5.98 20.12 3.44
CA LEU B 82 -5.76 20.96 2.26
C LEU B 82 -7.06 21.20 1.51
N GLY B 83 -8.16 20.69 2.05
CA GLY B 83 -9.46 20.90 1.44
C GLY B 83 -9.72 20.05 0.21
N ILE B 84 -9.01 18.91 0.12
CA ILE B 84 -9.10 18.03 -1.03
C ILE B 84 -9.67 16.67 -0.57
N SER B 85 -10.55 16.10 -1.38
CA SER B 85 -11.16 14.79 -1.11
C SER B 85 -10.31 13.65 -1.68
N PRO B 86 -9.77 12.77 -0.82
CA PRO B 86 -8.89 11.74 -1.38
C PRO B 86 -9.52 10.37 -1.45
N PHE B 87 -8.88 9.48 -2.18
CA PHE B 87 -9.35 8.11 -2.33
C PHE B 87 -9.02 7.19 -1.17
N HIS B 88 -7.76 7.18 -0.73
CA HIS B 88 -7.30 6.15 0.19
C HIS B 88 -7.57 6.56 1.64
N GLU B 89 -7.78 5.57 2.51
CA GLU B 89 -7.81 5.82 3.96
C GLU B 89 -6.43 6.18 4.53
N HIS B 90 -5.40 5.55 4.00
CA HIS B 90 -4.02 5.74 4.37
C HIS B 90 -3.17 5.08 3.34
N ALA B 91 -1.86 5.30 3.40
CA ALA B 91 -0.92 4.52 2.62
C ALA B 91 -0.17 3.61 3.58
N GLU B 92 0.02 2.36 3.20
CA GLU B 92 0.69 1.37 4.03
C GLU B 92 1.89 0.83 3.30
N VAL B 93 3.00 0.69 4.00
CA VAL B 93 4.21 0.11 3.43
C VAL B 93 4.65 -1.00 4.35
N VAL B 94 4.65 -2.23 3.86
CA VAL B 94 4.92 -3.40 4.70
C VAL B 94 6.14 -4.13 4.13
N PHE B 95 7.13 -4.39 4.97
CA PHE B 95 8.43 -4.93 4.50
C PHE B 95 9.13 -5.71 5.60
N THR B 96 10.10 -6.52 5.21
CA THR B 96 10.97 -7.21 6.17
C THR B 96 12.30 -6.49 6.33
N ALA B 97 12.70 -6.23 7.56
CA ALA B 97 14.04 -5.74 7.84
C ALA B 97 14.96 -6.94 7.89
N ASN B 98 16.05 -6.88 7.15
CA ASN B 98 16.98 -7.99 6.99
C ASN B 98 18.43 -7.55 7.26
N ASP B 99 19.11 -8.21 8.19
CA ASP B 99 20.47 -7.82 8.57
C ASP B 99 21.54 -8.05 7.50
N SER B 100 21.31 -8.96 6.57
CA SER B 100 22.28 -9.23 5.49
C SER B 100 22.39 -8.06 4.51
N GLY B 101 21.32 -7.28 4.38
CA GLY B 101 21.31 -6.15 3.45
C GLY B 101 21.90 -4.88 4.05
N PRO B 102 21.89 -3.79 3.28
CA PRO B 102 22.42 -2.56 3.86
C PRO B 102 21.65 -2.07 5.10
N ARG B 103 22.27 -1.12 5.79
N ARG B 103 22.22 -1.10 5.77
CA ARG B 103 21.94 -0.77 7.18
CA ARG B 103 21.90 -0.85 7.16
C ARG B 103 20.85 0.25 7.31
C ARG B 103 20.91 0.29 7.34
N ARG B 104 20.74 1.14 6.33
CA ARG B 104 19.90 2.29 6.48
C ARG B 104 18.72 2.21 5.50
N TYR B 105 17.52 2.39 6.00
CA TYR B 105 16.31 2.26 5.17
C TYR B 105 15.64 3.60 5.09
N THR B 106 15.42 4.08 3.89
CA THR B 106 14.58 5.23 3.67
C THR B 106 13.33 4.73 2.95
N ILE B 107 12.17 5.00 3.53
CA ILE B 107 10.88 4.69 2.92
C ILE B 107 10.34 6.03 2.42
N ALA B 108 10.25 6.14 1.09
CA ALA B 108 9.74 7.34 0.47
C ALA B 108 8.34 7.11 -0.10
N ALA B 109 7.48 8.09 0.02
CA ALA B 109 6.12 8.03 -0.54
C ALA B 109 5.80 9.34 -1.25
N LEU B 110 5.21 9.24 -2.45
CA LEU B 110 4.80 10.35 -3.28
C LEU B 110 3.30 10.27 -3.35
N LEU B 111 2.61 11.31 -2.89
CA LEU B 111 1.17 11.32 -2.74
C LEU B 111 0.45 12.16 -3.77
N SER B 112 -0.63 11.59 -4.30
CA SER B 112 -1.66 12.31 -5.07
C SER B 112 -3.04 11.92 -4.48
N PRO B 113 -4.10 12.65 -4.85
CA PRO B 113 -5.37 12.35 -4.19
C PRO B 113 -5.90 10.94 -4.47
N TYR B 114 -5.69 10.40 -5.66
CA TYR B 114 -6.17 9.07 -6.04
C TYR B 114 -5.05 8.09 -6.30
N SER B 115 -3.82 8.42 -5.91
CA SER B 115 -2.71 7.55 -6.17
CA SER B 115 -2.68 7.54 -6.18
C SER B 115 -1.58 7.76 -5.18
N TYR B 116 -0.76 6.74 -4.95
CA TYR B 116 0.53 6.98 -4.33
C TYR B 116 1.55 6.02 -4.85
N SER B 117 2.79 6.46 -4.77
CA SER B 117 3.90 5.57 -5.08
CA SER B 117 3.95 5.65 -5.12
CA SER B 117 3.91 5.59 -5.08
C SER B 117 4.84 5.52 -3.88
N THR B 118 5.52 4.38 -3.74
CA THR B 118 6.48 4.24 -2.66
C THR B 118 7.70 3.48 -3.12
N THR B 119 8.86 3.89 -2.63
CA THR B 119 10.09 3.15 -2.92
C THR B 119 10.89 3.06 -1.63
N ALA B 120 11.80 2.12 -1.64
CA ALA B 120 12.75 1.91 -0.54
C ALA B 120 14.15 2.20 -1.09
N VAL B 121 14.90 3.01 -0.36
CA VAL B 121 16.30 3.28 -0.67
C VAL B 121 17.06 2.72 0.53
N VAL B 122 17.79 1.64 0.28
CA VAL B 122 18.46 0.89 1.35
C VAL B 122 19.95 0.93 1.09
N THR B 123 20.69 1.58 2.00
CA THR B 123 22.11 1.85 1.80
C THR B 123 22.94 1.52 3.03
N ASN B 124 24.26 1.51 2.83
CA ASN B 124 25.24 1.41 3.92
C ASN B 124 26.00 2.73 4.04
#